data_3B89
#
_entry.id   3B89
#
_cell.length_a   56.262
_cell.length_b   94.131
_cell.length_c   96.230
_cell.angle_alpha   90.00
_cell.angle_beta   90.00
_cell.angle_gamma   90.00
#
_symmetry.space_group_name_H-M   'I 2 2 2'
#
loop_
_entity.id
_entity.type
_entity.pdbx_description
1 polymer '16S rRNA methylase'
2 non-polymer "GUANOSINE-5'-MONOPHOSPHATE"
3 water water
#
_entity_poly.entity_id   1
_entity_poly.type   'polypeptide(L)'
_entity_poly.pdbx_seq_one_letter_code
;SLNINDALTSILASKKYRALCPDTVRRILTEEWGRHKSPKQTVEAARTRLHGICGAYVTPESLKAAAAALSAGDVKKALS
LHASTKERLAELDTLYDFIFSAETPRRVLDIACGLNPLALYERGIASVWGCDIHQGLGDVITPFAREKDWDFTFALQDVL
CAPPAEAGDLALIFKLLPLLEREQAGSA(MSE)ALLQSLNTPR(MSE)AVSFPTRSLGGRGKG(MSE)EANYAAWFEGGL
PAEFEIEDKKTIGTELIYLIKKNG
;
_entity_poly.pdbx_strand_id   A
#
loop_
_chem_comp.id
_chem_comp.type
_chem_comp.name
_chem_comp.formula
5GP non-polymer GUANOSINE-5'-MONOPHOSPHATE 'C10 H14 N5 O8 P'
#
# COMPACT_ATOMS: atom_id res chain seq x y z
N ASN A 3 14.72 24.54 -9.08
CA ASN A 3 13.30 24.11 -9.20
C ASN A 3 13.10 22.69 -8.69
N ILE A 4 11.85 22.28 -8.67
CA ILE A 4 11.47 20.96 -8.20
C ILE A 4 12.05 19.83 -9.03
N ASN A 5 11.97 19.93 -10.35
CA ASN A 5 12.50 18.89 -11.19
C ASN A 5 13.99 18.68 -10.96
N ASP A 6 14.71 19.75 -10.65
CA ASP A 6 16.14 19.64 -10.40
C ASP A 6 16.38 18.82 -9.14
N ALA A 7 15.58 19.12 -8.13
CA ALA A 7 15.67 18.44 -6.85
C ALA A 7 15.21 16.99 -6.96
N LEU A 8 14.09 16.77 -7.64
CA LEU A 8 13.59 15.42 -7.80
C LEU A 8 14.74 14.58 -8.38
N THR A 9 15.41 15.13 -9.39
CA THR A 9 16.53 14.46 -10.07
C THR A 9 17.72 14.16 -9.15
N SER A 10 18.01 15.07 -8.23
CA SER A 10 19.12 14.90 -7.29
C SER A 10 18.78 13.82 -6.28
N ILE A 11 17.60 13.94 -5.69
CA ILE A 11 17.15 13.00 -4.69
C ILE A 11 17.04 11.58 -5.25
N LEU A 12 16.52 11.46 -6.47
CA LEU A 12 16.38 10.14 -7.10
C LEU A 12 17.74 9.53 -7.46
N ALA A 13 18.78 10.36 -7.42
CA ALA A 13 20.13 9.92 -7.73
C ALA A 13 20.71 9.17 -6.53
N SER A 14 20.22 9.48 -5.34
CA SER A 14 20.71 8.83 -4.14
C SER A 14 20.38 7.35 -4.16
N LYS A 15 21.24 6.56 -3.53
CA LYS A 15 21.05 5.12 -3.47
C LYS A 15 19.88 4.83 -2.54
N LYS A 16 19.69 5.70 -1.57
CA LYS A 16 18.63 5.56 -0.59
C LYS A 16 17.23 5.80 -1.14
N TYR A 17 17.10 6.69 -2.14
CA TYR A 17 15.78 6.99 -2.70
C TYR A 17 15.53 6.64 -4.17
N ARG A 18 16.56 6.20 -4.89
CA ARG A 18 16.41 5.88 -6.31
C ARG A 18 15.19 5.04 -6.71
N ALA A 19 14.73 4.15 -5.83
CA ALA A 19 13.59 3.30 -6.15
C ALA A 19 12.24 3.86 -5.70
N LEU A 20 12.20 5.17 -5.45
CA LEU A 20 10.96 5.81 -4.99
C LEU A 20 10.11 6.40 -6.10
N CYS A 21 8.81 6.24 -5.95
CA CYS A 21 7.89 6.77 -6.93
C CYS A 21 8.18 8.26 -7.07
N PRO A 22 8.61 8.68 -8.27
CA PRO A 22 8.93 10.10 -8.48
C PRO A 22 7.83 11.10 -8.07
N ASP A 23 6.56 10.71 -8.18
CA ASP A 23 5.45 11.58 -7.80
C ASP A 23 5.47 11.92 -6.31
N THR A 24 5.81 10.93 -5.51
CA THR A 24 5.90 11.07 -4.07
C THR A 24 6.97 12.09 -3.70
N VAL A 25 8.15 11.94 -4.28
CA VAL A 25 9.26 12.85 -4.02
C VAL A 25 8.89 14.27 -4.42
N ARG A 26 8.19 14.40 -5.54
CA ARG A 26 7.79 15.70 -6.04
C ARG A 26 6.73 16.27 -5.12
N ARG A 27 5.70 15.47 -4.86
CA ARG A 27 4.63 15.91 -3.98
C ARG A 27 5.23 16.47 -2.72
N ILE A 28 6.11 15.71 -2.11
CA ILE A 28 6.73 16.15 -0.87
C ILE A 28 7.65 17.34 -1.06
N LEU A 29 8.28 17.44 -2.22
CA LEU A 29 9.15 18.58 -2.45
C LEU A 29 8.27 19.83 -2.46
N THR A 30 7.20 19.76 -3.24
CA THR A 30 6.26 20.87 -3.38
C THR A 30 5.71 21.38 -2.04
N GLU A 31 5.39 20.47 -1.14
CA GLU A 31 4.84 20.87 0.15
C GLU A 31 5.89 21.47 1.07
N GLU A 32 7.11 20.96 1.00
CA GLU A 32 8.18 21.47 1.83
C GLU A 32 8.64 22.82 1.31
N TRP A 33 8.19 23.17 0.11
CA TRP A 33 8.57 24.46 -0.46
C TRP A 33 7.65 25.58 0.06
N GLY A 34 6.35 25.45 -0.20
CA GLY A 34 5.38 26.44 0.24
C GLY A 34 5.43 26.71 1.74
N ARG A 35 5.86 25.72 2.50
CA ARG A 35 5.98 25.88 3.94
C ARG A 35 7.35 26.49 4.28
N HIS A 36 8.22 26.75 3.30
CA HIS A 36 9.54 27.26 3.63
C HIS A 36 10.05 28.40 2.77
N LYS A 37 10.15 28.14 1.47
CA LYS A 37 10.68 29.10 0.48
C LYS A 37 12.18 28.84 0.59
N SER A 38 12.52 28.14 1.67
CA SER A 38 13.84 27.63 2.01
C SER A 38 15.14 28.36 1.82
N PRO A 39 16.23 27.79 2.37
CA PRO A 39 17.61 28.27 2.31
C PRO A 39 18.00 27.55 1.02
N LYS A 40 17.02 26.83 0.49
CA LYS A 40 17.10 26.02 -0.71
C LYS A 40 16.99 24.62 -0.20
N GLN A 41 17.69 24.33 0.89
CA GLN A 41 17.68 22.99 1.46
C GLN A 41 16.37 22.65 2.13
N THR A 42 15.37 22.55 1.25
CA THR A 42 14.00 22.14 1.52
C THR A 42 14.21 20.66 1.32
N VAL A 43 15.20 20.42 0.47
CA VAL A 43 15.63 19.08 0.14
C VAL A 43 15.89 18.28 1.41
N GLU A 44 16.31 18.95 2.47
CA GLU A 44 16.59 18.26 3.72
C GLU A 44 15.32 17.83 4.42
N ALA A 45 14.36 18.75 4.49
CA ALA A 45 13.09 18.47 5.11
C ALA A 45 12.44 17.33 4.35
N ALA A 46 12.50 17.43 3.02
CA ALA A 46 11.91 16.41 2.17
C ALA A 46 12.66 15.10 2.36
N ARG A 47 13.98 15.14 2.26
CA ARG A 47 14.80 13.94 2.41
C ARG A 47 14.49 13.18 3.72
N THR A 48 14.40 13.89 4.86
CA THR A 48 14.11 13.20 6.11
C THR A 48 12.62 12.85 6.25
N ARG A 49 11.81 13.40 5.34
CA ARG A 49 10.38 13.12 5.32
C ARG A 49 10.17 11.83 4.52
N LEU A 50 11.09 11.59 3.59
CA LEU A 50 11.03 10.42 2.72
C LEU A 50 11.60 9.17 3.39
N HIS A 51 12.36 9.38 4.45
CA HIS A 51 12.97 8.28 5.19
C HIS A 51 11.87 7.39 5.76
N GLY A 52 10.94 8.00 6.47
CA GLY A 52 9.86 7.23 7.06
C GLY A 52 8.58 7.31 6.26
N ILE A 53 8.72 7.69 4.99
CA ILE A 53 7.55 7.77 4.12
C ILE A 53 7.36 6.41 3.50
N CYS A 54 8.34 5.51 3.69
CA CYS A 54 8.30 4.20 3.07
C CYS A 54 9.06 3.06 3.84
N GLY A 55 8.24 2.18 4.45
CA GLY A 55 8.67 1.04 5.25
C GLY A 55 9.50 1.34 6.52
N ALA A 56 10.68 1.93 6.31
CA ALA A 56 11.65 2.28 7.32
C ALA A 56 12.25 1.01 7.87
N VAL A 58 11.91 -0.53 4.69
CA VAL A 58 12.28 -1.10 3.39
C VAL A 58 13.71 -0.73 2.99
N THR A 59 14.64 -1.65 3.26
CA THR A 59 16.04 -1.44 2.95
C THR A 59 16.39 -2.42 1.83
N PRO A 60 17.30 -2.03 0.91
CA PRO A 60 17.64 -2.96 -0.17
C PRO A 60 18.05 -4.32 0.41
N GLU A 61 18.60 -4.26 1.61
CA GLU A 61 19.06 -5.44 2.30
C GLU A 61 17.93 -6.45 2.50
N SER A 62 16.77 -5.94 2.91
CA SER A 62 15.61 -6.77 3.13
C SER A 62 15.05 -7.22 1.80
N LEU A 63 15.14 -6.35 0.81
CA LEU A 63 14.63 -6.64 -0.53
C LEU A 63 15.37 -7.80 -1.19
N LYS A 64 16.70 -7.73 -1.22
CA LYS A 64 17.46 -8.80 -1.83
C LYS A 64 17.08 -10.08 -1.11
N ALA A 65 17.08 -10.00 0.22
CA ALA A 65 16.75 -11.14 1.06
C ALA A 65 15.42 -11.77 0.67
N ALA A 66 14.48 -10.94 0.24
CA ALA A 66 13.15 -11.40 -0.15
C ALA A 66 13.15 -12.14 -1.48
N ALA A 67 13.60 -11.46 -2.54
CA ALA A 67 13.63 -12.04 -3.88
C ALA A 67 14.41 -13.34 -3.90
N ALA A 68 15.31 -13.50 -2.93
CA ALA A 68 16.12 -14.70 -2.83
C ALA A 68 15.29 -15.75 -2.12
N ALA A 69 14.73 -15.36 -0.98
CA ALA A 69 13.87 -16.25 -0.20
C ALA A 69 12.79 -16.75 -1.13
N LEU A 70 12.27 -15.83 -1.93
CA LEU A 70 11.20 -16.13 -2.86
C LEU A 70 11.60 -17.10 -3.96
N SER A 71 12.77 -16.88 -4.55
CA SER A 71 13.25 -17.73 -5.63
C SER A 71 13.53 -19.17 -5.17
N ALA A 72 13.56 -19.36 -3.86
CA ALA A 72 13.81 -20.67 -3.28
C ALA A 72 12.50 -21.33 -2.86
N GLY A 73 11.39 -20.74 -3.28
CA GLY A 73 10.08 -21.29 -2.95
C GLY A 73 9.54 -20.90 -1.58
N ASP A 74 10.41 -20.37 -0.74
CA ASP A 74 10.01 -19.96 0.61
C ASP A 74 9.25 -18.63 0.61
N VAL A 75 7.97 -18.69 0.24
CA VAL A 75 7.13 -17.51 0.20
C VAL A 75 6.94 -16.91 1.60
N LYS A 76 6.67 -17.76 2.58
CA LYS A 76 6.46 -17.33 3.96
C LYS A 76 7.56 -16.39 4.41
N LYS A 77 8.80 -16.86 4.32
CA LYS A 77 9.95 -16.06 4.72
C LYS A 77 10.00 -14.75 3.93
N ALA A 78 9.73 -14.83 2.63
CA ALA A 78 9.75 -13.63 1.79
C ALA A 78 8.84 -12.60 2.44
N LEU A 79 7.69 -13.06 2.89
CA LEU A 79 6.72 -12.20 3.55
C LEU A 79 7.22 -11.76 4.92
N SER A 80 8.05 -12.57 5.55
CA SER A 80 8.58 -12.23 6.85
C SER A 80 9.56 -11.06 6.78
N LEU A 81 10.16 -10.87 5.61
CA LEU A 81 11.12 -9.81 5.40
C LEU A 81 10.51 -8.43 5.13
N HIS A 82 9.18 -8.36 5.09
CA HIS A 82 8.51 -7.08 4.90
C HIS A 82 7.78 -6.85 6.21
N ALA A 83 7.94 -5.66 6.78
CA ALA A 83 7.33 -5.30 8.07
C ALA A 83 5.84 -5.53 8.18
N SER A 84 5.06 -4.80 7.39
CA SER A 84 3.61 -4.91 7.42
C SER A 84 3.10 -6.34 7.26
N THR A 85 3.60 -7.05 6.25
CA THR A 85 3.19 -8.44 6.00
C THR A 85 3.69 -9.39 7.09
N LYS A 86 4.86 -9.10 7.65
CA LYS A 86 5.43 -9.93 8.69
C LYS A 86 4.59 -10.05 9.96
N GLU A 87 3.87 -8.99 10.31
CA GLU A 87 3.09 -9.06 11.54
C GLU A 87 1.68 -9.61 11.34
N ARG A 88 1.24 -9.61 10.10
CA ARG A 88 -0.09 -10.12 9.75
C ARG A 88 0.10 -11.57 9.31
N LEU A 89 1.32 -12.06 9.44
CA LEU A 89 1.70 -13.39 9.01
C LEU A 89 1.10 -14.56 9.76
N ALA A 90 1.15 -14.48 11.09
CA ALA A 90 0.61 -15.55 11.93
C ALA A 90 -0.89 -15.78 11.72
N GLU A 91 -1.67 -14.73 11.69
CA GLU A 91 -3.11 -14.88 11.49
C GLU A 91 -3.46 -14.49 10.06
N LEU A 92 -2.57 -14.84 9.13
CA LEU A 92 -2.78 -14.51 7.73
C LEU A 92 -3.94 -15.25 7.09
N ASP A 93 -4.00 -16.56 7.29
CA ASP A 93 -5.05 -17.35 6.70
C ASP A 93 -6.42 -17.04 7.28
N THR A 94 -6.47 -16.82 8.60
CA THR A 94 -7.73 -16.49 9.27
C THR A 94 -8.23 -15.20 8.64
N LEU A 95 -7.29 -14.29 8.40
CA LEU A 95 -7.60 -13.00 7.82
C LEU A 95 -8.24 -13.09 6.43
N TYR A 96 -7.66 -13.89 5.54
CA TYR A 96 -8.24 -14.00 4.20
C TYR A 96 -9.52 -14.83 4.15
N ASP A 97 -9.71 -15.70 5.14
CA ASP A 97 -10.93 -16.49 5.19
C ASP A 97 -12.02 -15.48 5.51
N PHE A 98 -11.72 -14.58 6.44
CA PHE A 98 -12.67 -13.55 6.85
C PHE A 98 -13.05 -12.69 5.64
N ILE A 99 -12.04 -12.33 4.86
CA ILE A 99 -12.25 -11.48 3.69
C ILE A 99 -12.97 -12.14 2.53
N PHE A 100 -12.55 -13.34 2.17
CA PHE A 100 -13.14 -14.06 1.06
C PHE A 100 -14.35 -14.90 1.39
N SER A 101 -14.65 -15.03 2.68
CA SER A 101 -15.78 -15.85 3.16
C SER A 101 -17.04 -15.81 2.28
N ALA A 102 -17.56 -14.61 2.03
CA ALA A 102 -18.74 -14.43 1.21
C ALA A 102 -18.47 -14.60 -0.30
N GLU A 103 -17.52 -13.83 -0.84
CA GLU A 103 -17.22 -13.89 -2.27
C GLU A 103 -15.71 -13.86 -2.56
N THR A 104 -15.22 -14.86 -3.29
CA THR A 104 -13.80 -14.89 -3.65
C THR A 104 -13.66 -14.21 -5.00
N PRO A 105 -12.85 -13.13 -5.07
CA PRO A 105 -12.57 -12.32 -6.25
C PRO A 105 -11.65 -12.96 -7.28
N ARG A 106 -11.89 -12.59 -8.53
CA ARG A 106 -11.09 -13.07 -9.64
C ARG A 106 -9.98 -12.04 -9.81
N ARG A 107 -10.32 -10.76 -9.70
CA ARG A 107 -9.34 -9.68 -9.82
C ARG A 107 -9.35 -8.75 -8.59
N VAL A 108 -8.21 -8.64 -7.93
CA VAL A 108 -8.07 -7.81 -6.75
C VAL A 108 -7.13 -6.60 -6.99
N LEU A 109 -7.50 -5.46 -6.42
CA LEU A 109 -6.67 -4.26 -6.54
C LEU A 109 -6.03 -4.00 -5.17
N ASP A 110 -4.76 -4.42 -5.03
CA ASP A 110 -4.02 -4.26 -3.80
C ASP A 110 -3.35 -2.89 -3.72
N ILE A 111 -3.99 -1.96 -3.02
CA ILE A 111 -3.50 -0.60 -2.86
C ILE A 111 -2.40 -0.52 -1.79
N ALA A 112 -1.25 0.04 -2.18
CA ALA A 112 -0.09 0.15 -1.28
C ALA A 112 0.18 -1.29 -0.88
N CYS A 113 0.17 -2.14 -1.89
CA CYS A 113 0.35 -3.58 -1.75
C CYS A 113 1.48 -4.10 -0.88
N GLY A 114 2.69 -3.60 -1.09
CA GLY A 114 3.81 -4.11 -0.32
C GLY A 114 4.12 -5.49 -0.87
N LEU A 115 4.51 -6.42 0.00
CA LEU A 115 4.80 -7.78 -0.45
C LEU A 115 3.55 -8.67 -0.44
N ASN A 116 2.47 -8.13 0.11
CA ASN A 116 1.21 -8.84 0.22
C ASN A 116 0.79 -9.63 -1.03
N PRO A 117 0.97 -9.05 -2.23
CA PRO A 117 0.56 -9.81 -3.42
C PRO A 117 0.98 -11.28 -3.38
N LEU A 118 2.15 -11.58 -2.82
CA LEU A 118 2.61 -12.95 -2.74
C LEU A 118 1.56 -13.78 -1.99
N ALA A 119 1.08 -13.26 -0.86
CA ALA A 119 0.07 -13.95 -0.07
C ALA A 119 -1.16 -14.19 -0.92
N LEU A 120 -1.43 -13.27 -1.84
CA LEU A 120 -2.59 -13.42 -2.70
C LEU A 120 -2.39 -14.56 -3.70
N TYR A 121 -1.16 -14.76 -4.14
CA TYR A 121 -0.90 -15.85 -5.07
C TYR A 121 -1.33 -17.14 -4.39
N GLU A 122 -0.75 -17.37 -3.22
CA GLU A 122 -1.02 -18.57 -2.45
C GLU A 122 -2.48 -18.71 -2.02
N ARG A 123 -3.32 -17.80 -2.47
CA ARG A 123 -4.73 -17.86 -2.14
C ARG A 123 -5.46 -18.28 -3.40
N GLY A 124 -4.69 -18.44 -4.46
CA GLY A 124 -5.25 -18.86 -5.72
C GLY A 124 -6.04 -17.77 -6.42
N ILE A 125 -5.74 -16.51 -6.11
CA ILE A 125 -6.42 -15.41 -6.76
C ILE A 125 -5.81 -15.34 -8.16
N ALA A 126 -6.68 -15.33 -9.18
CA ALA A 126 -6.28 -15.32 -10.59
C ALA A 126 -5.59 -14.05 -11.08
N SER A 127 -6.20 -12.90 -10.82
CA SER A 127 -5.61 -11.65 -11.27
C SER A 127 -5.42 -10.64 -10.15
N VAL A 128 -4.26 -9.99 -10.18
CA VAL A 128 -3.95 -9.00 -9.17
C VAL A 128 -3.24 -7.79 -9.76
N TRP A 129 -3.65 -6.63 -9.28
CA TRP A 129 -3.04 -5.36 -9.69
C TRP A 129 -2.61 -4.72 -8.40
N GLY A 130 -1.32 -4.51 -8.23
CA GLY A 130 -0.86 -3.89 -7.02
C GLY A 130 -0.05 -2.64 -7.28
N CYS A 131 -0.21 -1.62 -6.45
CA CYS A 131 0.54 -0.39 -6.63
C CYS A 131 1.20 0.00 -5.33
N ASP A 132 2.35 0.67 -5.44
CA ASP A 132 3.06 1.13 -4.27
C ASP A 132 4.12 2.14 -4.68
N ILE A 133 4.72 2.79 -3.68
CA ILE A 133 5.72 3.82 -3.95
C ILE A 133 7.17 3.42 -3.82
N HIS A 134 7.47 2.14 -4.03
CA HIS A 134 8.85 1.67 -3.97
C HIS A 134 9.01 0.56 -5.01
N GLN A 135 9.82 0.83 -6.04
CA GLN A 135 10.05 -0.12 -7.11
C GLN A 135 10.61 -1.46 -6.64
N GLY A 136 11.40 -1.43 -5.57
CA GLY A 136 11.98 -2.65 -5.05
C GLY A 136 10.94 -3.74 -4.86
N LEU A 137 9.73 -3.32 -4.51
CA LEU A 137 8.62 -4.25 -4.29
C LEU A 137 8.27 -5.01 -5.57
N GLY A 138 7.97 -4.29 -6.64
CA GLY A 138 7.64 -4.96 -7.89
C GLY A 138 8.83 -5.78 -8.38
N ASP A 139 10.03 -5.25 -8.22
CA ASP A 139 11.22 -5.97 -8.65
C ASP A 139 11.23 -7.37 -8.09
N VAL A 140 10.67 -7.54 -6.90
CA VAL A 140 10.61 -8.84 -6.24
C VAL A 140 9.44 -9.71 -6.68
N ILE A 141 8.27 -9.11 -6.81
CA ILE A 141 7.07 -9.86 -7.16
C ILE A 141 6.85 -10.16 -8.63
N THR A 142 7.35 -9.28 -9.51
CA THR A 142 7.16 -9.49 -10.94
C THR A 142 7.91 -10.69 -11.50
N PRO A 143 9.23 -10.75 -11.27
CA PRO A 143 9.94 -11.91 -11.81
C PRO A 143 9.25 -13.18 -11.35
N PHE A 144 8.71 -13.15 -10.13
CA PHE A 144 8.01 -14.28 -9.55
C PHE A 144 6.74 -14.64 -10.33
N ALA A 145 5.88 -13.64 -10.50
CA ALA A 145 4.64 -13.85 -11.23
C ALA A 145 4.96 -14.33 -12.64
N ARG A 146 6.00 -13.77 -13.24
CA ARG A 146 6.41 -14.16 -14.57
C ARG A 146 6.80 -15.64 -14.56
N GLU A 147 7.71 -15.99 -13.65
CA GLU A 147 8.20 -17.36 -13.49
C GLU A 147 7.12 -18.38 -13.16
N LYS A 148 5.89 -17.92 -12.94
CA LYS A 148 4.80 -18.82 -12.61
C LYS A 148 3.54 -18.49 -13.41
N ASP A 149 3.71 -17.69 -14.47
CA ASP A 149 2.59 -17.27 -15.31
C ASP A 149 1.38 -16.86 -14.45
N TRP A 150 1.64 -16.07 -13.42
CA TRP A 150 0.55 -15.59 -12.60
C TRP A 150 0.26 -14.17 -13.08
N ASP A 151 -1.01 -13.87 -13.37
CA ASP A 151 -1.35 -12.54 -13.84
C ASP A 151 -1.33 -11.49 -12.74
N PHE A 152 -0.17 -10.86 -12.57
CA PHE A 152 0.03 -9.82 -11.57
C PHE A 152 0.72 -8.63 -12.20
N THR A 153 0.23 -7.43 -11.89
CA THR A 153 0.83 -6.19 -12.41
C THR A 153 1.14 -5.19 -11.30
N PHE A 154 2.35 -4.66 -11.32
CA PHE A 154 2.79 -3.69 -10.32
C PHE A 154 2.88 -2.27 -10.90
N ALA A 155 2.28 -1.30 -10.22
CA ALA A 155 2.34 0.08 -10.65
C ALA A 155 3.07 0.94 -9.62
N LEU A 156 4.13 1.62 -10.02
CA LEU A 156 4.84 2.48 -9.11
C LEU A 156 3.96 3.73 -9.14
N GLN A 157 3.07 3.85 -8.17
CA GLN A 157 2.13 4.96 -8.15
C GLN A 157 1.73 5.42 -6.76
N ASP A 158 1.67 6.73 -6.59
CA ASP A 158 1.27 7.34 -5.32
C ASP A 158 -0.20 7.74 -5.47
N VAL A 159 -1.07 7.09 -4.72
CA VAL A 159 -2.50 7.37 -4.81
C VAL A 159 -2.94 8.78 -4.44
N LEU A 160 -2.00 9.62 -4.01
CA LEU A 160 -2.34 10.99 -3.66
C LEU A 160 -2.14 11.92 -4.85
N CYS A 161 -1.43 11.45 -5.87
CA CYS A 161 -1.20 12.27 -7.04
C CYS A 161 -2.17 11.82 -8.11
N ALA A 162 -2.38 10.51 -8.16
CA ALA A 162 -3.28 9.91 -9.13
C ALA A 162 -3.92 8.67 -8.51
N PRO A 163 -5.25 8.55 -8.61
CA PRO A 163 -5.95 7.40 -8.04
C PRO A 163 -5.83 6.21 -9.01
N PRO A 164 -6.27 5.02 -8.58
CA PRO A 164 -6.16 3.86 -9.47
C PRO A 164 -7.14 3.91 -10.64
N ALA A 165 -6.60 3.65 -11.84
CA ALA A 165 -7.40 3.65 -13.06
C ALA A 165 -7.92 2.25 -13.35
N GLU A 166 -7.46 1.28 -12.56
CA GLU A 166 -7.86 -0.10 -12.75
C GLU A 166 -9.23 -0.43 -12.18
N ALA A 167 -9.76 -1.57 -12.59
CA ALA A 167 -11.05 -2.04 -12.13
C ALA A 167 -10.87 -3.46 -11.61
N GLY A 168 -11.76 -3.89 -10.73
CA GLY A 168 -11.66 -5.22 -10.18
C GLY A 168 -12.85 -5.57 -9.31
N ASP A 169 -12.82 -6.79 -8.78
CA ASP A 169 -13.88 -7.29 -7.92
C ASP A 169 -13.68 -6.79 -6.48
N LEU A 170 -12.44 -6.80 -6.03
CA LEU A 170 -12.13 -6.35 -4.67
C LEU A 170 -10.90 -5.44 -4.62
N ALA A 171 -10.84 -4.60 -3.61
CA ALA A 171 -9.71 -3.70 -3.43
C ALA A 171 -9.20 -3.81 -1.99
N LEU A 172 -7.91 -3.95 -1.82
CA LEU A 172 -7.34 -4.05 -0.47
C LEU A 172 -6.69 -2.74 -0.03
N ILE A 173 -7.20 -2.17 1.05
CA ILE A 173 -6.67 -0.93 1.61
C ILE A 173 -6.29 -1.23 3.07
N PHE A 174 -5.19 -1.97 3.23
CA PHE A 174 -4.66 -2.37 4.54
C PHE A 174 -3.77 -1.30 5.15
N LYS A 175 -4.03 -0.97 6.42
CA LYS A 175 -3.26 0.04 7.14
C LYS A 175 -2.70 1.09 6.21
N LEU A 176 -3.59 1.90 5.63
CA LEU A 176 -3.17 2.95 4.70
C LEU A 176 -3.96 4.24 4.91
N LEU A 177 -5.27 4.10 5.10
CA LEU A 177 -6.14 5.24 5.30
C LEU A 177 -5.62 6.26 6.32
N PRO A 178 -5.05 5.80 7.44
CA PRO A 178 -4.53 6.73 8.45
C PRO A 178 -3.36 7.58 7.96
N LEU A 179 -2.46 6.95 7.21
CA LEU A 179 -1.30 7.65 6.66
C LEU A 179 -1.75 8.57 5.53
N LEU A 180 -2.84 8.19 4.87
CA LEU A 180 -3.35 9.02 3.78
C LEU A 180 -4.01 10.26 4.32
N GLU A 181 -4.83 10.06 5.34
CA GLU A 181 -5.57 11.14 5.96
C GLU A 181 -4.66 12.12 6.64
N ARG A 182 -3.56 11.62 7.19
CA ARG A 182 -2.62 12.50 7.87
C ARG A 182 -1.79 13.33 6.90
N GLU A 183 -1.55 12.81 5.70
CA GLU A 183 -0.77 13.54 4.71
C GLU A 183 -1.64 14.61 4.03
N GLN A 184 -2.93 14.32 3.86
CA GLN A 184 -3.85 15.24 3.20
C GLN A 184 -5.28 14.98 3.64
N ALA A 185 -5.82 15.86 4.47
CA ALA A 185 -7.16 15.71 5.01
C ALA A 185 -8.21 15.42 3.95
N GLY A 186 -9.11 14.50 4.28
CA GLY A 186 -10.20 14.13 3.38
C GLY A 186 -9.80 13.25 2.21
N SER A 187 -8.51 12.96 2.07
CA SER A 187 -8.05 12.14 0.97
C SER A 187 -8.32 10.67 1.21
N ALA A 188 -8.46 10.27 2.47
CA ALA A 188 -8.72 8.87 2.80
C ALA A 188 -9.99 8.37 2.16
N MSE A 189 -11.11 9.02 2.47
CA MSE A 189 -12.40 8.64 1.92
C MSE A 189 -12.44 8.89 0.40
O MSE A 189 -13.09 8.15 -0.35
CB MSE A 189 -13.51 9.41 2.61
CG MSE A 189 -14.53 8.52 3.30
SE MSE A 189 -13.79 7.14 4.49
CE MSE A 189 -13.78 8.17 6.13
N ALA A 190 -11.74 9.92 -0.02
CA ALA A 190 -11.67 10.26 -1.42
C ALA A 190 -11.08 9.10 -2.21
N LEU A 191 -10.23 8.31 -1.56
CA LEU A 191 -9.61 7.18 -2.25
C LEU A 191 -10.64 6.06 -2.50
N LEU A 192 -11.48 5.82 -1.50
CA LEU A 192 -12.47 4.78 -1.61
C LEU A 192 -13.49 5.18 -2.67
N GLN A 193 -13.76 6.47 -2.76
CA GLN A 193 -14.73 6.96 -3.74
C GLN A 193 -14.26 6.77 -5.17
N SER A 194 -12.95 6.79 -5.38
CA SER A 194 -12.41 6.62 -6.72
C SER A 194 -11.92 5.22 -7.04
N LEU A 195 -12.07 4.29 -6.12
CA LEU A 195 -11.66 2.91 -6.38
C LEU A 195 -12.73 2.24 -7.24
N ASN A 196 -12.33 1.71 -8.38
CA ASN A 196 -13.29 1.05 -9.26
C ASN A 196 -13.53 -0.40 -8.84
N THR A 197 -14.18 -0.58 -7.70
CA THR A 197 -14.49 -1.91 -7.18
C THR A 197 -15.78 -1.84 -6.37
N PRO A 198 -16.59 -2.90 -6.39
CA PRO A 198 -17.85 -2.89 -5.63
C PRO A 198 -17.63 -3.26 -4.15
N ARG A 199 -16.52 -3.94 -3.88
CA ARG A 199 -16.17 -4.34 -2.52
C ARG A 199 -14.73 -3.96 -2.21
N MSE A 200 -14.47 -3.77 -0.92
CA MSE A 200 -13.14 -3.41 -0.48
C MSE A 200 -12.91 -3.87 0.93
O MSE A 200 -13.83 -3.91 1.75
CB MSE A 200 -12.92 -1.90 -0.55
CG MSE A 200 -12.98 -1.32 -1.93
SE MSE A 200 -14.16 0.18 -1.95
CE MSE A 200 -15.73 -0.72 -2.62
N ALA A 201 -11.66 -4.22 1.22
CA ALA A 201 -11.25 -4.65 2.54
C ALA A 201 -10.37 -3.54 3.08
N VAL A 202 -10.83 -2.89 4.15
CA VAL A 202 -10.09 -1.79 4.77
C VAL A 202 -9.65 -2.23 6.16
N SER A 203 -8.54 -1.66 6.65
CA SER A 203 -8.05 -2.01 7.97
C SER A 203 -7.25 -0.88 8.60
N PHE A 204 -7.23 -0.87 9.93
CA PHE A 204 -6.50 0.14 10.72
C PHE A 204 -5.75 -0.57 11.84
N PRO A 205 -4.65 0.02 12.31
CA PRO A 205 -3.90 -0.62 13.39
C PRO A 205 -4.72 -0.51 14.68
N THR A 206 -4.55 -1.48 15.57
CA THR A 206 -5.26 -1.48 16.83
C THR A 206 -4.52 -0.60 17.85
N ARG A 207 -3.24 -0.35 17.59
CA ARG A 207 -2.41 0.46 18.46
C ARG A 207 -2.13 1.85 17.89
N SER A 208 -1.89 2.79 18.78
CA SER A 208 -1.62 4.19 18.43
C SER A 208 -0.34 4.38 17.61
N GLU A 217 -7.57 10.77 15.07
CA GLU A 217 -8.52 9.66 15.01
C GLU A 217 -8.21 8.60 16.08
N ALA A 218 -7.91 9.04 17.31
CA ALA A 218 -7.59 8.14 18.43
C ALA A 218 -8.35 6.81 18.36
N ASN A 219 -9.63 6.91 18.01
CA ASN A 219 -10.50 5.76 17.84
C ASN A 219 -10.77 5.69 16.32
N TYR A 220 -10.11 4.78 15.61
CA TYR A 220 -10.30 4.64 14.17
C TYR A 220 -11.70 4.19 13.81
N ALA A 221 -12.24 3.24 14.57
CA ALA A 221 -13.59 2.74 14.30
C ALA A 221 -14.59 3.90 14.28
N ALA A 222 -14.53 4.73 15.31
CA ALA A 222 -15.43 5.87 15.43
C ALA A 222 -15.28 6.86 14.27
N TRP A 223 -14.07 6.99 13.76
CA TRP A 223 -13.81 7.90 12.66
C TRP A 223 -14.30 7.31 11.34
N PHE A 224 -13.86 6.09 11.04
CA PHE A 224 -14.21 5.41 9.79
C PHE A 224 -15.71 5.24 9.67
N GLU A 225 -16.29 4.74 10.75
CA GLU A 225 -17.73 4.50 10.79
C GLU A 225 -18.46 5.83 10.70
N GLY A 226 -17.92 6.84 11.36
CA GLY A 226 -18.55 8.14 11.35
C GLY A 226 -18.37 8.93 10.06
N GLY A 227 -17.28 8.70 9.35
CA GLY A 227 -17.06 9.45 8.13
C GLY A 227 -17.27 8.71 6.82
N LEU A 228 -17.79 7.49 6.84
CA LEU A 228 -17.97 6.74 5.60
C LEU A 228 -19.15 7.27 4.78
N PRO A 229 -18.91 7.66 3.51
CA PRO A 229 -19.95 8.19 2.61
C PRO A 229 -21.16 7.27 2.53
N ALA A 230 -22.36 7.87 2.45
CA ALA A 230 -23.60 7.10 2.40
C ALA A 230 -23.69 6.08 1.25
N GLU A 231 -22.89 6.27 0.21
CA GLU A 231 -22.93 5.33 -0.90
C GLU A 231 -22.27 4.01 -0.53
N PHE A 232 -21.58 4.01 0.61
CA PHE A 232 -20.90 2.81 1.10
C PHE A 232 -21.68 2.17 2.24
N GLU A 233 -21.61 0.85 2.34
CA GLU A 233 -22.27 0.15 3.43
C GLU A 233 -21.26 -0.79 4.10
N ILE A 234 -21.39 -0.98 5.42
CA ILE A 234 -20.49 -1.88 6.12
C ILE A 234 -21.10 -3.27 6.27
N GLU A 235 -20.73 -4.17 5.37
CA GLU A 235 -21.23 -5.54 5.41
C GLU A 235 -20.62 -6.37 6.54
N ASP A 236 -19.46 -5.96 7.06
CA ASP A 236 -18.81 -6.74 8.09
C ASP A 236 -17.65 -6.01 8.79
N LYS A 237 -17.35 -6.40 10.02
CA LYS A 237 -16.27 -5.81 10.81
C LYS A 237 -15.68 -6.81 11.82
N LYS A 238 -14.36 -6.81 11.97
CA LYS A 238 -13.71 -7.72 12.91
C LYS A 238 -12.23 -7.42 13.05
N THR A 239 -11.68 -7.77 14.21
CA THR A 239 -10.26 -7.57 14.48
C THR A 239 -9.56 -8.92 14.36
N ILE A 240 -8.40 -8.90 13.74
CA ILE A 240 -7.63 -10.11 13.55
C ILE A 240 -6.18 -9.72 13.72
N GLY A 241 -5.53 -10.30 14.72
CA GLY A 241 -4.15 -9.94 14.98
C GLY A 241 -4.13 -8.48 15.40
N THR A 242 -3.37 -7.69 14.66
CA THR A 242 -3.20 -6.27 14.95
C THR A 242 -4.06 -5.36 14.08
N GLU A 243 -4.95 -5.95 13.29
CA GLU A 243 -5.79 -5.15 12.42
C GLU A 243 -7.26 -5.24 12.69
N LEU A 244 -7.89 -4.07 12.56
CA LEU A 244 -9.33 -3.96 12.70
C LEU A 244 -9.74 -3.90 11.23
N ILE A 245 -10.49 -4.89 10.78
CA ILE A 245 -10.90 -4.93 9.39
C ILE A 245 -12.36 -4.56 9.16
N TYR A 246 -12.62 -3.96 8.00
CA TYR A 246 -13.97 -3.58 7.63
C TYR A 246 -14.25 -4.02 6.20
N LEU A 247 -15.32 -4.78 5.99
CA LEU A 247 -15.67 -5.17 4.65
C LEU A 247 -16.81 -4.25 4.24
N ILE A 248 -16.59 -3.43 3.22
CA ILE A 248 -17.63 -2.52 2.78
C ILE A 248 -18.02 -2.79 1.34
N LYS A 249 -19.14 -2.21 0.93
CA LYS A 249 -19.62 -2.37 -0.43
C LYS A 249 -19.95 -1.01 -1.00
N LYS A 250 -19.42 -0.76 -2.19
CA LYS A 250 -19.63 0.49 -2.92
C LYS A 250 -20.87 0.25 -3.78
N ASN A 251 -21.72 1.26 -3.88
CA ASN A 251 -22.94 1.13 -4.67
C ASN A 251 -23.05 2.23 -5.74
P 5GP B . 1.60 -1.23 4.93
O1P 5GP B . 0.33 -2.16 4.91
O2P 5GP B . 1.94 -0.93 6.49
O3P 5GP B . 2.86 -1.69 4.21
O5' 5GP B . 1.07 0.22 4.35
C5' 5GP B . 1.89 1.37 4.18
C4' 5GP B . 2.32 1.19 2.74
O4' 5GP B . 1.80 2.20 1.79
C3' 5GP B . 3.87 1.16 2.47
O3' 5GP B . 4.13 -0.08 1.71
C2' 5GP B . 4.12 2.48 1.78
O2' 5GP B . 5.27 2.69 1.00
C1' 5GP B . 2.86 2.77 0.96
N9 5GP B . 2.40 4.21 0.74
C8 5GP B . 2.52 5.29 1.52
N7 5GP B . 1.93 6.37 0.91
C5 5GP B . 1.44 5.94 -0.27
C6 5GP B . 0.73 6.57 -1.33
O6 5GP B . 0.46 7.80 -1.25
N1 5GP B . 0.35 5.83 -2.43
C2 5GP B . 0.65 4.49 -2.53
N2 5GP B . 0.28 3.76 -3.61
N3 5GP B . 1.33 3.86 -1.50
C4 5GP B . 1.72 4.57 -0.38
#